data_1CQF
#
_entry.id   1CQF
#
_cell.length_a   62.785
_cell.length_b   73.561
_cell.length_c   83.853
_cell.angle_alpha   90.00
_cell.angle_beta   90.00
_cell.angle_gamma   90.00
#
_symmetry.space_group_name_H-M   'P 21 21 21'
#
loop_
_entity.id
_entity.type
_entity.pdbx_description
1 polymer 'SHIGA TOXIN B-CHAIN'
2 branched alpha-D-galactopyranose-(1-4)-beta-D-galactopyranose-(1-4)-beta-D-glucopyranose
3 water water
#
_entity_poly.entity_id   1
_entity_poly.type   'polypeptide(L)'
_entity_poly.pdbx_seq_one_letter_code
;TPDCVTGKVEYTKYNDDDTFTVKVGDKELFTNRWNLQSLLLSAQITGMTVTIKTNACHNGGTFSEVIFR
;
_entity_poly.pdbx_strand_id   A,B,C,D,E
#
loop_
_chem_comp.id
_chem_comp.type
_chem_comp.name
_chem_comp.formula
BGC D-saccharide, beta linking beta-D-glucopyranose 'C6 H12 O6'
GAL D-saccharide, beta linking beta-D-galactopyranose 'C6 H12 O6'
GLA D-saccharide, alpha linking alpha-D-galactopyranose 'C6 H12 O6'
#
# COMPACT_ATOMS: atom_id res chain seq x y z
N THR A 1 -4.71 -23.10 -16.26
CA THR A 1 -3.56 -23.53 -15.41
C THR A 1 -4.06 -24.41 -14.26
N PRO A 2 -3.40 -25.55 -14.03
CA PRO A 2 -3.81 -26.46 -12.96
C PRO A 2 -3.54 -25.88 -11.57
N ASP A 3 -4.40 -26.22 -10.61
CA ASP A 3 -4.21 -25.82 -9.21
C ASP A 3 -2.95 -26.52 -8.71
N CYS A 4 -2.22 -25.87 -7.82
CA CYS A 4 -1.00 -26.44 -7.26
C CYS A 4 -1.18 -26.67 -5.77
N VAL A 5 -1.47 -25.59 -5.03
CA VAL A 5 -1.72 -25.67 -3.61
C VAL A 5 -2.75 -24.65 -3.17
N THR A 6 -3.49 -24.99 -2.12
CA THR A 6 -4.45 -24.09 -1.53
C THR A 6 -4.26 -24.13 -0.03
N GLY A 7 -4.26 -22.96 0.58
CA GLY A 7 -4.10 -22.87 2.01
C GLY A 7 -3.72 -21.46 2.40
N LYS A 8 -3.40 -21.28 3.68
CA LYS A 8 -2.97 -19.99 4.19
C LYS A 8 -1.48 -19.83 3.92
N VAL A 9 -1.00 -18.60 3.95
CA VAL A 9 0.41 -18.32 3.74
C VAL A 9 1.16 -18.54 5.06
N GLU A 10 2.04 -19.53 5.09
CA GLU A 10 2.82 -19.81 6.30
C GLU A 10 3.86 -18.72 6.50
N TYR A 11 4.55 -18.35 5.41
CA TYR A 11 5.55 -17.29 5.45
C TYR A 11 5.88 -16.82 4.04
N THR A 12 6.46 -15.63 3.96
CA THR A 12 6.91 -15.08 2.69
C THR A 12 8.37 -14.67 2.86
N LYS A 13 9.10 -14.62 1.75
CA LYS A 13 10.52 -14.29 1.79
C LYS A 13 10.88 -13.38 0.62
N TYR A 14 11.53 -12.27 0.92
CA TYR A 14 12.01 -11.37 -0.12
C TYR A 14 13.41 -11.86 -0.47
N ASN A 15 13.64 -12.14 -1.75
CA ASN A 15 14.91 -12.68 -2.22
C ASN A 15 15.89 -11.62 -2.74
N ASP A 16 17.18 -11.96 -2.77
CA ASP A 16 18.25 -11.05 -3.22
C ASP A 16 18.07 -10.54 -4.66
N ASP A 17 17.39 -11.31 -5.51
CA ASP A 17 17.16 -10.93 -6.90
C ASP A 17 15.79 -10.27 -7.10
N ASP A 18 15.19 -9.82 -6.00
CA ASP A 18 13.90 -9.12 -6.01
C ASP A 18 12.69 -9.96 -6.35
N THR A 19 12.85 -11.28 -6.34
CA THR A 19 11.71 -12.17 -6.53
C THR A 19 11.13 -12.40 -5.12
N PHE A 20 9.96 -13.00 -5.06
CA PHE A 20 9.26 -13.16 -3.79
C PHE A 20 8.85 -14.62 -3.63
N THR A 21 9.25 -15.22 -2.52
CA THR A 21 8.94 -16.61 -2.21
C THR A 21 7.78 -16.70 -1.21
N VAL A 22 6.93 -17.69 -1.42
CA VAL A 22 5.79 -17.91 -0.54
C VAL A 22 5.72 -19.40 -0.18
N LYS A 23 5.33 -19.69 1.06
CA LYS A 23 5.14 -21.08 1.50
C LYS A 23 3.67 -21.30 1.80
N VAL A 24 3.02 -22.10 0.99
CA VAL A 24 1.60 -22.43 1.16
C VAL A 24 1.52 -23.95 1.14
N GLY A 25 0.78 -24.52 2.08
CA GLY A 25 0.70 -25.96 2.17
C GLY A 25 2.08 -26.56 2.42
N ASP A 26 2.50 -27.45 1.53
CA ASP A 26 3.80 -28.10 1.66
C ASP A 26 4.82 -27.66 0.60
N LYS A 27 4.42 -26.71 -0.24
CA LYS A 27 5.29 -26.25 -1.32
C LYS A 27 5.85 -24.84 -1.05
N GLU A 28 7.09 -24.63 -1.47
CA GLU A 28 7.70 -23.33 -1.40
C GLU A 28 7.89 -22.91 -2.86
N LEU A 29 7.17 -21.86 -3.26
CA LEU A 29 7.19 -21.39 -4.65
C LEU A 29 7.57 -19.92 -4.67
N PHE A 30 7.97 -19.43 -5.85
CA PHE A 30 8.36 -18.04 -5.98
C PHE A 30 7.81 -17.37 -7.23
N THR A 31 7.76 -16.04 -7.20
CA THR A 31 7.26 -15.28 -8.33
C THR A 31 8.15 -14.07 -8.58
N ASN A 32 8.28 -13.72 -9.86
CA ASN A 32 9.06 -12.55 -10.25
C ASN A 32 8.16 -11.34 -10.52
N ARG A 33 6.86 -11.49 -10.32
CA ARG A 33 5.91 -10.38 -10.52
C ARG A 33 5.91 -9.48 -9.28
N TRP A 34 6.44 -8.26 -9.42
CA TRP A 34 6.54 -7.32 -8.31
C TRP A 34 5.20 -6.90 -7.71
N ASN A 35 4.16 -6.87 -8.53
CA ASN A 35 2.82 -6.50 -8.07
C ASN A 35 2.30 -7.46 -7.01
N LEU A 36 2.77 -8.71 -7.05
CA LEU A 36 2.27 -9.73 -6.12
C LEU A 36 2.82 -9.64 -4.70
N GLN A 37 3.93 -8.94 -4.54
CA GLN A 37 4.59 -8.85 -3.22
C GLN A 37 3.71 -8.28 -2.12
N SER A 38 3.17 -7.07 -2.31
CA SER A 38 2.30 -6.48 -1.30
C SER A 38 0.99 -7.23 -1.19
N LEU A 39 0.51 -7.77 -2.31
CA LEU A 39 -0.74 -8.54 -2.30
C LEU A 39 -0.61 -9.80 -1.45
N LEU A 40 0.49 -10.53 -1.64
CA LEU A 40 0.71 -11.75 -0.89
C LEU A 40 0.98 -11.49 0.58
N LEU A 41 1.63 -10.38 0.91
CA LEU A 41 1.90 -10.07 2.31
C LEU A 41 0.59 -9.72 3.02
N SER A 42 -0.28 -8.96 2.34
CA SER A 42 -1.59 -8.61 2.91
C SER A 42 -2.37 -9.88 3.21
N ALA A 43 -2.35 -10.82 2.27
CA ALA A 43 -3.05 -12.09 2.44
C ALA A 43 -2.46 -12.84 3.64
N GLN A 44 -1.14 -12.73 3.83
CA GLN A 44 -0.51 -13.42 4.95
C GLN A 44 -0.97 -12.81 6.27
N ILE A 45 -0.96 -11.49 6.34
CA ILE A 45 -1.35 -10.76 7.55
C ILE A 45 -2.83 -10.93 7.90
N THR A 46 -3.71 -10.88 6.90
CA THR A 46 -5.15 -11.00 7.17
C THR A 46 -5.64 -12.45 7.26
N GLY A 47 -4.73 -13.39 7.00
CA GLY A 47 -5.08 -14.80 7.08
C GLY A 47 -5.99 -15.31 5.97
N MET A 48 -5.87 -14.75 4.77
CA MET A 48 -6.70 -15.20 3.66
C MET A 48 -6.23 -16.55 3.15
N THR A 49 -7.14 -17.30 2.51
CA THR A 49 -6.79 -18.57 1.89
C THR A 49 -6.46 -18.28 0.43
N VAL A 50 -5.29 -18.72 -0.03
CA VAL A 50 -4.91 -18.50 -1.42
C VAL A 50 -4.75 -19.81 -2.18
N THR A 51 -5.07 -19.77 -3.47
CA THR A 51 -4.85 -20.89 -4.36
C THR A 51 -3.82 -20.44 -5.39
N ILE A 52 -2.70 -21.16 -5.44
CA ILE A 52 -1.65 -20.87 -6.39
C ILE A 52 -1.74 -21.84 -7.56
N LYS A 53 -1.82 -21.30 -8.77
CA LYS A 53 -1.93 -22.10 -9.98
C LYS A 53 -0.62 -22.05 -10.74
N THR A 54 -0.06 -23.22 -11.03
CA THR A 54 1.18 -23.35 -11.78
C THR A 54 1.47 -24.78 -12.21
N ASN A 55 2.14 -24.91 -13.34
CA ASN A 55 2.55 -26.18 -13.94
C ASN A 55 3.83 -26.69 -13.26
N ALA A 56 4.56 -25.77 -12.63
CA ALA A 56 5.79 -26.08 -11.91
C ALA A 56 5.44 -26.26 -10.43
N CYS A 57 4.60 -27.24 -10.15
CA CYS A 57 4.16 -27.49 -8.78
C CYS A 57 5.12 -28.40 -8.02
N HIS A 58 6.15 -27.77 -7.48
CA HIS A 58 7.19 -28.46 -6.72
C HIS A 58 8.01 -27.38 -6.03
N ASN A 59 8.72 -27.73 -4.96
CA ASN A 59 9.56 -26.77 -4.24
C ASN A 59 10.54 -26.07 -5.17
N GLY A 60 10.56 -24.74 -5.12
CA GLY A 60 11.44 -23.98 -6.00
C GLY A 60 10.79 -23.62 -7.33
N GLY A 61 9.54 -24.04 -7.53
CA GLY A 61 8.84 -23.73 -8.76
C GLY A 61 8.38 -22.28 -8.83
N THR A 62 8.04 -21.80 -10.01
CA THR A 62 7.56 -20.43 -10.17
C THR A 62 6.06 -20.40 -10.40
N PHE A 63 5.45 -19.24 -10.15
CA PHE A 63 4.03 -19.06 -10.34
C PHE A 63 3.78 -17.59 -10.64
N SER A 64 2.63 -17.29 -11.22
CA SER A 64 2.26 -15.91 -11.54
C SER A 64 0.75 -15.78 -11.53
N GLU A 65 0.09 -16.79 -10.97
CA GLU A 65 -1.37 -16.81 -10.92
C GLU A 65 -1.82 -17.21 -9.52
N VAL A 66 -2.61 -16.36 -8.89
CA VAL A 66 -3.05 -16.59 -7.53
C VAL A 66 -4.50 -16.15 -7.37
N ILE A 67 -5.24 -16.92 -6.60
CA ILE A 67 -6.62 -16.59 -6.28
C ILE A 67 -6.67 -16.26 -4.78
N PHE A 68 -7.18 -15.07 -4.46
CA PHE A 68 -7.34 -14.64 -3.08
C PHE A 68 -8.79 -14.82 -2.64
N ARG A 69 -9.03 -15.63 -1.62
CA ARG A 69 -10.39 -15.85 -1.11
C ARG A 69 -10.58 -15.26 0.28
N THR B 1 -21.11 5.18 -18.16
CA THR B 1 -21.01 3.71 -18.39
C THR B 1 -22.04 3.07 -17.48
N PRO B 2 -22.84 2.14 -18.03
CA PRO B 2 -23.88 1.46 -17.25
C PRO B 2 -23.38 0.56 -16.13
N ASP B 3 -24.13 0.54 -15.03
CA ASP B 3 -23.83 -0.35 -13.91
C ASP B 3 -23.88 -1.79 -14.40
N CYS B 4 -22.96 -2.63 -13.92
CA CYS B 4 -22.95 -4.04 -14.31
C CYS B 4 -23.34 -4.94 -13.13
N VAL B 5 -22.58 -4.87 -12.04
CA VAL B 5 -22.88 -5.65 -10.83
C VAL B 5 -22.57 -4.83 -9.60
N THR B 6 -23.28 -5.13 -8.52
CA THR B 6 -23.06 -4.46 -7.24
C THR B 6 -23.07 -5.51 -6.15
N GLY B 7 -22.11 -5.40 -5.25
CA GLY B 7 -22.00 -6.33 -4.15
C GLY B 7 -20.60 -6.35 -3.59
N LYS B 8 -20.35 -7.30 -2.69
CA LYS B 8 -19.05 -7.48 -2.09
C LYS B 8 -18.19 -8.34 -3.02
N VAL B 9 -16.88 -8.20 -2.89
CA VAL B 9 -15.94 -8.99 -3.69
C VAL B 9 -15.83 -10.40 -3.11
N GLU B 10 -16.26 -11.39 -3.89
CA GLU B 10 -16.22 -12.78 -3.44
C GLU B 10 -14.78 -13.30 -3.41
N TYR B 11 -14.02 -12.97 -4.45
CA TYR B 11 -12.61 -13.32 -4.55
C TYR B 11 -11.95 -12.49 -5.65
N THR B 12 -10.62 -12.42 -5.60
CA THR B 12 -9.85 -11.74 -6.63
C THR B 12 -8.80 -12.73 -7.14
N LYS B 13 -8.26 -12.47 -8.31
CA LYS B 13 -7.29 -13.37 -8.92
C LYS B 13 -6.27 -12.58 -9.71
N TYR B 14 -4.99 -12.79 -9.42
CA TYR B 14 -3.92 -12.16 -10.17
C TYR B 14 -3.67 -13.07 -11.37
N ASN B 15 -3.67 -12.48 -12.57
CA ASN B 15 -3.52 -13.25 -13.81
C ASN B 15 -2.10 -13.29 -14.38
N ASP B 16 -1.84 -14.29 -15.23
CA ASP B 16 -0.55 -14.55 -15.83
C ASP B 16 0.03 -13.38 -16.65
N ASP B 17 -0.85 -12.54 -17.15
CA ASP B 17 -0.44 -11.41 -17.96
C ASP B 17 -0.50 -10.09 -17.19
N ASP B 18 -0.55 -10.18 -15.86
CA ASP B 18 -0.59 -9.01 -14.98
C ASP B 18 -1.91 -8.25 -14.94
N THR B 19 -2.96 -8.85 -15.51
CA THR B 19 -4.28 -8.26 -15.37
C THR B 19 -4.84 -8.80 -14.05
N PHE B 20 -6.00 -8.30 -13.64
CA PHE B 20 -6.55 -8.66 -12.33
C PHE B 20 -8.02 -8.99 -12.52
N THR B 21 -8.44 -10.12 -11.96
CA THR B 21 -9.80 -10.61 -12.06
C THR B 21 -10.55 -10.44 -10.73
N VAL B 22 -11.82 -10.05 -10.81
CA VAL B 22 -12.64 -9.90 -9.62
C VAL B 22 -13.98 -10.60 -9.86
N LYS B 23 -14.54 -11.18 -8.80
CA LYS B 23 -15.85 -11.83 -8.87
C LYS B 23 -16.77 -11.06 -7.94
N VAL B 24 -17.75 -10.39 -8.54
CA VAL B 24 -18.74 -9.62 -7.80
C VAL B 24 -20.11 -10.09 -8.29
N GLY B 25 -20.99 -10.40 -7.35
CA GLY B 25 -22.31 -10.90 -7.71
C GLY B 25 -22.16 -12.22 -8.44
N ASP B 26 -22.63 -12.25 -9.68
CA ASP B 26 -22.57 -13.47 -10.49
C ASP B 26 -21.62 -13.34 -11.67
N LYS B 27 -20.92 -12.21 -11.78
CA LYS B 27 -20.03 -11.99 -12.91
C LYS B 27 -18.56 -12.02 -12.49
N GLU B 28 -17.75 -12.63 -13.36
CA GLU B 28 -16.32 -12.63 -13.19
C GLU B 28 -15.77 -11.68 -14.26
N LEU B 29 -15.18 -10.58 -13.82
CA LEU B 29 -14.67 -9.55 -14.74
C LEU B 29 -13.18 -9.28 -14.48
N PHE B 30 -12.47 -8.73 -15.47
CA PHE B 30 -11.05 -8.45 -15.29
C PHE B 30 -10.69 -7.02 -15.70
N THR B 31 -9.60 -6.49 -15.16
CA THR B 31 -9.14 -5.16 -15.53
C THR B 31 -7.63 -5.16 -15.80
N ASN B 32 -7.21 -4.29 -16.70
CA ASN B 32 -5.80 -4.16 -17.04
C ASN B 32 -5.19 -2.93 -16.36
N ARG B 33 -5.95 -2.26 -15.50
CA ARG B 33 -5.45 -1.08 -14.78
C ARG B 33 -4.71 -1.55 -13.53
N TRP B 34 -3.39 -1.39 -13.49
CA TRP B 34 -2.62 -1.83 -12.34
C TRP B 34 -2.99 -1.12 -11.06
N ASN B 35 -3.38 0.15 -11.17
CA ASN B 35 -3.79 0.95 -10.01
C ASN B 35 -4.95 0.33 -9.22
N LEU B 36 -5.78 -0.47 -9.90
CA LEU B 36 -6.95 -1.08 -9.27
C LEU B 36 -6.67 -2.32 -8.43
N GLN B 37 -5.48 -2.91 -8.61
CA GLN B 37 -5.14 -4.15 -7.91
C GLN B 37 -5.19 -4.05 -6.39
N SER B 38 -4.45 -3.11 -5.81
CA SER B 38 -4.43 -2.98 -4.36
C SER B 38 -5.75 -2.38 -3.85
N LEU B 39 -6.36 -1.52 -4.65
CA LEU B 39 -7.64 -0.91 -4.26
C LEU B 39 -8.71 -1.98 -4.12
N LEU B 40 -8.78 -2.89 -5.10
CA LEU B 40 -9.75 -3.98 -5.06
C LEU B 40 -9.49 -4.98 -3.93
N LEU B 41 -8.23 -5.28 -3.66
CA LEU B 41 -7.92 -6.22 -2.58
C LEU B 41 -8.32 -5.62 -1.24
N SER B 42 -8.03 -4.33 -1.06
CA SER B 42 -8.40 -3.62 0.17
C SER B 42 -9.92 -3.66 0.35
N ALA B 43 -10.64 -3.51 -0.76
CA ALA B 43 -12.09 -3.55 -0.73
C ALA B 43 -12.56 -4.95 -0.31
N GLN B 44 -11.88 -5.98 -0.81
CA GLN B 44 -12.23 -7.38 -0.47
C GLN B 44 -11.97 -7.67 1.00
N ILE B 45 -10.84 -7.22 1.50
CA ILE B 45 -10.45 -7.44 2.88
C ILE B 45 -11.36 -6.73 3.88
N THR B 46 -11.70 -5.47 3.60
CA THR B 46 -12.54 -4.69 4.50
C THR B 46 -14.05 -4.90 4.29
N GLY B 47 -14.40 -5.68 3.27
CA GLY B 47 -15.79 -5.99 3.02
C GLY B 47 -16.65 -4.85 2.46
N MET B 48 -16.04 -3.98 1.67
CA MET B 48 -16.78 -2.87 1.06
C MET B 48 -17.73 -3.40 0.00
N THR B 49 -18.72 -2.58 -0.36
CA THR B 49 -19.62 -2.91 -1.45
C THR B 49 -19.10 -2.10 -2.63
N VAL B 50 -18.87 -2.78 -3.74
CA VAL B 50 -18.40 -2.11 -4.96
C VAL B 50 -19.41 -2.24 -6.08
N THR B 51 -19.41 -1.25 -6.96
CA THR B 51 -20.25 -1.27 -8.14
C THR B 51 -19.29 -1.15 -9.32
N ILE B 52 -19.35 -2.15 -10.20
CA ILE B 52 -18.52 -2.16 -11.40
C ILE B 52 -19.36 -1.71 -12.59
N LYS B 53 -18.87 -0.69 -13.28
CA LYS B 53 -19.55 -0.16 -14.45
C LYS B 53 -18.77 -0.60 -15.69
N THR B 54 -19.47 -1.20 -16.63
CA THR B 54 -18.87 -1.64 -17.87
C THR B 54 -19.93 -2.07 -18.87
N ASN B 55 -19.68 -1.84 -20.17
CA ASN B 55 -20.59 -2.26 -21.22
C ASN B 55 -20.37 -3.74 -21.55
N ALA B 56 -19.20 -4.27 -21.18
CA ALA B 56 -18.88 -5.68 -21.38
C ALA B 56 -19.31 -6.46 -20.13
N CYS B 57 -20.61 -6.38 -19.82
CA CYS B 57 -21.17 -6.99 -18.63
C CYS B 57 -21.56 -8.46 -18.84
N HIS B 58 -20.56 -9.32 -18.78
CA HIS B 58 -20.72 -10.76 -18.94
C HIS B 58 -19.43 -11.39 -18.43
N ASN B 59 -19.45 -12.68 -18.09
CA ASN B 59 -18.25 -13.35 -17.62
C ASN B 59 -17.10 -13.19 -18.61
N GLY B 60 -15.93 -12.83 -18.10
CA GLY B 60 -14.77 -12.63 -18.94
C GLY B 60 -14.68 -11.23 -19.52
N GLY B 61 -15.63 -10.38 -19.15
CA GLY B 61 -15.66 -9.01 -19.65
C GLY B 61 -14.65 -8.10 -18.97
N THR B 62 -14.30 -7.01 -19.63
CA THR B 62 -13.34 -6.08 -19.05
C THR B 62 -14.03 -4.90 -18.35
N PHE B 63 -13.31 -4.22 -17.47
CA PHE B 63 -13.84 -3.03 -16.79
C PHE B 63 -12.67 -2.15 -16.34
N SER B 64 -12.97 -0.89 -16.06
CA SER B 64 -11.95 0.05 -15.60
C SER B 64 -12.60 1.10 -14.71
N GLU B 65 -13.89 0.93 -14.46
CA GLU B 65 -14.63 1.84 -13.62
C GLU B 65 -15.23 1.11 -12.43
N VAL B 66 -14.95 1.62 -11.23
CA VAL B 66 -15.43 1.00 -9.99
C VAL B 66 -15.82 2.10 -9.00
N ILE B 67 -16.95 1.90 -8.34
CA ILE B 67 -17.37 2.79 -7.27
C ILE B 67 -17.17 2.02 -5.96
N PHE B 68 -16.42 2.62 -5.04
CA PHE B 68 -16.18 2.00 -3.74
C PHE B 68 -17.10 2.68 -2.74
N ARG B 69 -18.08 1.93 -2.25
CA ARG B 69 -19.02 2.47 -1.29
C ARG B 69 -18.57 2.10 0.11
N THR C 1 -4.61 28.29 -1.60
CA THR C 1 -5.84 27.74 -2.24
C THR C 1 -6.98 27.67 -1.21
N PRO C 2 -8.17 28.20 -1.57
CA PRO C 2 -9.34 28.21 -0.68
C PRO C 2 -9.94 26.84 -0.36
N ASP C 3 -10.41 26.68 0.88
CA ASP C 3 -11.09 25.45 1.29
C ASP C 3 -12.32 25.29 0.41
N CYS C 4 -12.66 24.05 0.08
CA CYS C 4 -13.83 23.76 -0.75
C CYS C 4 -14.88 22.96 0.02
N VAL C 5 -14.49 21.80 0.52
CA VAL C 5 -15.37 20.98 1.35
C VAL C 5 -14.59 20.28 2.45
N THR C 6 -15.29 19.96 3.53
CA THR C 6 -14.70 19.25 4.65
C THR C 6 -15.72 18.24 5.15
N GLY C 7 -15.23 17.03 5.41
CA GLY C 7 -16.10 15.96 5.88
C GLY C 7 -15.47 14.61 5.59
N LYS C 8 -16.24 13.55 5.82
CA LYS C 8 -15.78 12.20 5.54
C LYS C 8 -15.99 11.85 4.08
N VAL C 9 -15.28 10.85 3.58
CA VAL C 9 -15.42 10.42 2.20
C VAL C 9 -16.63 9.49 2.09
N GLU C 10 -17.66 9.92 1.37
CA GLU C 10 -18.89 9.14 1.21
C GLU C 10 -18.67 7.94 0.29
N TYR C 11 -17.97 8.19 -0.81
CA TYR C 11 -17.60 7.14 -1.76
C TYR C 11 -16.50 7.66 -2.69
N THR C 12 -15.80 6.72 -3.33
CA THR C 12 -14.77 7.07 -4.29
C THR C 12 -15.11 6.32 -5.57
N LYS C 13 -14.54 6.76 -6.67
CA LYS C 13 -14.80 6.14 -7.95
C LYS C 13 -13.55 6.18 -8.81
N TYR C 14 -13.16 5.02 -9.34
CA TYR C 14 -12.03 4.96 -10.27
C TYR C 14 -12.61 5.19 -11.66
N ASN C 15 -12.01 6.12 -12.39
CA ASN C 15 -12.52 6.48 -13.71
C ASN C 15 -11.77 5.83 -14.86
N ASP C 16 -12.40 5.82 -16.03
CA ASP C 16 -11.84 5.20 -17.23
C ASP C 16 -10.53 5.79 -17.70
N ASP C 17 -10.31 7.06 -17.43
CA ASP C 17 -9.07 7.72 -17.84
C ASP C 17 -8.04 7.73 -16.71
N ASP C 18 -8.19 6.81 -15.75
CA ASP C 18 -7.28 6.68 -14.60
C ASP C 18 -7.27 7.86 -13.62
N THR C 19 -8.31 8.71 -13.67
CA THR C 19 -8.44 9.77 -12.67
C THR C 19 -9.30 9.18 -11.55
N PHE C 20 -9.37 9.88 -10.42
CA PHE C 20 -10.06 9.36 -9.25
C PHE C 20 -11.09 10.39 -8.77
N THR C 21 -12.32 9.93 -8.58
CA THR C 21 -13.40 10.79 -8.13
C THR C 21 -13.71 10.54 -6.65
N VAL C 22 -13.94 11.62 -5.91
CA VAL C 22 -14.28 11.53 -4.50
C VAL C 22 -15.50 12.40 -4.19
N LYS C 23 -16.36 11.89 -3.30
CA LYS C 23 -17.56 12.62 -2.87
C LYS C 23 -17.42 12.98 -1.39
N VAL C 24 -17.19 14.26 -1.15
CA VAL C 24 -17.08 14.76 0.23
C VAL C 24 -18.14 15.85 0.40
N GLY C 25 -18.95 15.73 1.45
CA GLY C 25 -20.00 16.70 1.69
C GLY C 25 -21.08 16.62 0.60
N ASP C 26 -21.21 17.69 -0.16
CA ASP C 26 -22.20 17.75 -1.25
C ASP C 26 -21.57 17.89 -2.63
N LYS C 27 -20.23 17.91 -2.68
CA LYS C 27 -19.49 18.04 -3.95
C LYS C 27 -18.85 16.73 -4.40
N GLU C 28 -18.86 16.51 -5.72
CA GLU C 28 -18.18 15.36 -6.30
C GLU C 28 -17.04 15.96 -7.11
N LEU C 29 -15.80 15.67 -6.69
CA LEU C 29 -14.62 16.22 -7.34
C LEU C 29 -13.71 15.09 -7.82
N PHE C 30 -12.74 15.41 -8.68
CA PHE C 30 -11.82 14.41 -9.15
C PHE C 30 -10.38 14.91 -9.18
N THR C 31 -9.43 13.97 -9.12
CA THR C 31 -8.02 14.31 -9.19
C THR C 31 -7.29 13.41 -10.17
N ASN C 32 -6.26 13.96 -10.80
CA ASN C 32 -5.46 13.20 -11.76
C ASN C 32 -4.12 12.76 -11.13
N ARG C 33 -3.95 13.02 -9.84
CA ARG C 33 -2.73 12.63 -9.13
C ARG C 33 -2.86 11.18 -8.67
N TRP C 34 -2.09 10.29 -9.28
CA TRP C 34 -2.17 8.87 -8.94
C TRP C 34 -1.83 8.58 -7.49
N ASN C 35 -0.90 9.36 -6.93
CA ASN C 35 -0.49 9.22 -5.53
C ASN C 35 -1.65 9.33 -4.54
N LEU C 36 -2.66 10.13 -4.88
CA LEU C 36 -3.81 10.35 -4.02
C LEU C 36 -4.82 9.21 -3.95
N GLN C 37 -4.77 8.30 -4.91
CA GLN C 37 -5.74 7.20 -4.96
C GLN C 37 -5.76 6.31 -3.72
N SER C 38 -4.61 5.75 -3.35
CA SER C 38 -4.58 4.87 -2.18
C SER C 38 -4.71 5.67 -0.89
N LEU C 39 -4.24 6.91 -0.90
CA LEU C 39 -4.36 7.78 0.28
C LEU C 39 -5.83 8.08 0.56
N LEU C 40 -6.58 8.42 -0.48
CA LEU C 40 -8.00 8.73 -0.32
C LEU C 40 -8.83 7.50 0.05
N LEU C 41 -8.50 6.35 -0.51
CA LEU C 41 -9.22 5.13 -0.15
C LEU C 41 -8.98 4.76 1.32
N SER C 42 -7.74 4.95 1.78
CA SER C 42 -7.40 4.68 3.17
C SER C 42 -8.21 5.60 4.09
N ALA C 43 -8.36 6.85 3.66
CA ALA C 43 -9.12 7.85 4.41
C ALA C 43 -10.59 7.47 4.45
N GLN C 44 -11.08 6.89 3.36
CA GLN C 44 -12.47 6.44 3.30
C GLN C 44 -12.70 5.27 4.25
N ILE C 45 -11.79 4.29 4.21
CA ILE C 45 -11.90 3.08 5.02
C ILE C 45 -11.81 3.36 6.53
N THR C 46 -10.87 4.22 6.93
CA THR C 46 -10.66 4.51 8.35
C THR C 46 -11.56 5.61 8.90
N GLY C 47 -12.32 6.26 8.02
CA GLY C 47 -13.23 7.32 8.44
C GLY C 47 -12.57 8.63 8.80
N MET C 48 -11.44 8.96 8.16
CA MET C 48 -10.77 10.23 8.42
C MET C 48 -11.58 11.40 7.87
N THR C 49 -11.36 12.58 8.44
CA THR C 49 -12.00 13.79 7.96
C THR C 49 -11.01 14.45 7.03
N VAL C 50 -11.45 14.75 5.81
CA VAL C 50 -10.57 15.39 4.85
C VAL C 50 -11.06 16.78 4.44
N THR C 51 -10.12 17.66 4.12
CA THR C 51 -10.44 18.98 3.63
C THR C 51 -9.82 19.11 2.26
N ILE C 52 -10.66 19.31 1.26
CA ILE C 52 -10.18 19.45 -0.11
C ILE C 52 -10.11 20.93 -0.48
N LYS C 53 -8.93 21.36 -0.91
CA LYS C 53 -8.72 22.75 -1.29
C LYS C 53 -8.64 22.89 -2.81
N THR C 54 -9.51 23.73 -3.38
CA THR C 54 -9.53 23.96 -4.83
C THR C 54 -10.34 25.20 -5.25
N ASN C 55 -9.93 25.82 -6.36
CA ASN C 55 -10.64 26.98 -6.91
C ASN C 55 -11.84 26.56 -7.74
N ALA C 56 -11.80 25.32 -8.22
CA ALA C 56 -12.89 24.73 -9.00
C ALA C 56 -13.84 24.02 -8.05
N CYS C 57 -14.39 24.77 -7.09
CA CYS C 57 -15.27 24.20 -6.08
C CYS C 57 -16.73 24.05 -6.53
N HIS C 58 -16.98 23.00 -7.30
CA HIS C 58 -18.30 22.69 -7.85
C HIS C 58 -18.25 21.24 -8.34
N ASN C 59 -19.42 20.63 -8.56
CA ASN C 59 -19.46 19.25 -9.05
C ASN C 59 -18.69 19.08 -10.35
N GLY C 60 -17.82 18.08 -10.39
CA GLY C 60 -17.02 17.81 -11.59
C GLY C 60 -15.73 18.62 -11.62
N GLY C 61 -15.45 19.34 -10.54
CA GLY C 61 -14.25 20.14 -10.47
C GLY C 61 -13.02 19.31 -10.11
N THR C 62 -11.85 19.78 -10.52
CA THR C 62 -10.60 19.09 -10.22
C THR C 62 -9.95 19.60 -8.93
N PHE C 63 -9.13 18.76 -8.29
CA PHE C 63 -8.39 19.14 -7.09
C PHE C 63 -7.06 18.38 -7.03
N SER C 64 -6.13 18.88 -6.23
CA SER C 64 -4.82 18.26 -6.07
C SER C 64 -4.26 18.54 -4.68
N GLU C 65 -5.08 19.15 -3.83
CA GLU C 65 -4.70 19.49 -2.47
C GLU C 65 -5.71 18.93 -1.48
N VAL C 66 -5.21 18.15 -0.53
CA VAL C 66 -6.06 17.52 0.47
C VAL C 66 -5.36 17.56 1.80
N ILE C 67 -6.14 17.78 2.86
CA ILE C 67 -5.63 17.74 4.21
C ILE C 67 -6.28 16.54 4.89
N PHE C 68 -5.45 15.67 5.46
CA PHE C 68 -5.94 14.50 6.17
C PHE C 68 -5.82 14.69 7.68
N ARG C 69 -6.91 14.56 8.41
CA ARG C 69 -6.87 14.56 9.88
C ARG C 69 -7.69 13.45 10.53
N THR D 1 22.49 13.86 11.07
CA THR D 1 21.41 14.90 11.02
C THR D 1 20.74 15.01 12.38
N PRO D 2 20.64 16.24 12.92
CA PRO D 2 20.03 16.51 14.23
C PRO D 2 18.52 16.27 14.28
N ASP D 3 18.05 15.79 15.43
CA ASP D 3 16.61 15.60 15.65
C ASP D 3 15.94 16.96 15.57
N CYS D 4 14.72 17.01 15.05
CA CYS D 4 13.99 18.26 14.96
C CYS D 4 12.76 18.22 15.86
N VAL D 5 11.84 17.29 15.57
CA VAL D 5 10.63 17.12 16.38
C VAL D 5 10.29 15.64 16.53
N THR D 6 9.63 15.32 17.64
CA THR D 6 9.20 13.96 17.94
C THR D 6 7.78 14.04 18.49
N GLY D 7 6.93 13.12 18.01
CA GLY D 7 5.56 13.09 18.46
C GLY D 7 4.68 12.39 17.45
N LYS D 8 3.37 12.39 17.69
CA LYS D 8 2.44 11.77 16.75
C LYS D 8 2.16 12.72 15.59
N VAL D 9 1.66 12.18 14.49
CA VAL D 9 1.34 13.00 13.32
C VAL D 9 -0.04 13.60 13.53
N GLU D 10 -0.07 14.93 13.65
CA GLU D 10 -1.31 15.67 13.88
C GLU D 10 -2.17 15.66 12.61
N TYR D 11 -1.54 15.96 11.47
CA TYR D 11 -2.19 15.92 10.17
C TYR D 11 -1.17 15.90 9.05
N THR D 12 -1.62 15.48 7.88
CA THR D 12 -0.78 15.44 6.69
C THR D 12 -1.52 16.19 5.59
N LYS D 13 -0.78 16.70 4.62
CA LYS D 13 -1.37 17.47 3.54
C LYS D 13 -0.65 17.14 2.24
N TYR D 14 -1.42 16.82 1.21
CA TYR D 14 -0.85 16.56 -0.10
C TYR D 14 -0.84 17.91 -0.82
N ASN D 15 0.33 18.30 -1.33
CA ASN D 15 0.49 19.59 -1.99
C ASN D 15 0.35 19.55 -3.49
N ASP D 16 0.06 20.72 -4.08
CA ASP D 16 -0.14 20.86 -5.52
C ASP D 16 1.07 20.48 -6.37
N ASP D 17 2.27 20.55 -5.78
CA ASP D 17 3.49 20.17 -6.51
C ASP D 17 3.92 18.73 -6.21
N ASP D 18 3.02 17.95 -5.62
CA ASP D 18 3.24 16.55 -5.28
C ASP D 18 4.19 16.32 -4.12
N THR D 19 4.47 17.37 -3.35
CA THR D 19 5.25 17.22 -2.12
C THR D 19 4.24 16.91 -1.01
N PHE D 20 4.73 16.45 0.13
CA PHE D 20 3.87 16.00 1.22
C PHE D 20 4.23 16.76 2.51
N THR D 21 3.22 17.39 3.11
CA THR D 21 3.41 18.15 4.33
C THR D 21 2.96 17.37 5.56
N VAL D 22 3.70 17.49 6.65
CA VAL D 22 3.38 16.81 7.89
C VAL D 22 3.50 17.75 9.08
N LYS D 23 2.58 17.62 10.03
CA LYS D 23 2.60 18.42 11.25
C LYS D 23 2.87 17.53 12.46
N VAL D 24 4.08 17.65 12.99
CA VAL D 24 4.49 16.89 14.16
C VAL D 24 4.92 17.88 15.22
N GLY D 25 4.34 17.76 16.41
CA GLY D 25 4.66 18.68 17.48
C GLY D 25 4.19 20.08 17.16
N ASP D 26 5.12 21.02 17.02
CA ASP D 26 4.80 22.41 16.73
C ASP D 26 5.29 22.84 15.35
N LYS D 27 5.94 21.94 14.63
CA LYS D 27 6.50 22.26 13.32
C LYS D 27 5.70 21.67 12.16
N GLU D 28 5.64 22.43 11.07
CA GLU D 28 5.01 21.97 9.85
C GLU D 28 6.13 21.86 8.84
N LEU D 29 6.42 20.63 8.40
CA LEU D 29 7.53 20.38 7.49
C LEU D 29 7.05 19.65 6.26
N PHE D 30 7.85 19.67 5.19
CA PHE D 30 7.46 18.99 3.96
C PHE D 30 8.60 18.16 3.37
N THR D 31 8.23 17.14 2.59
CA THR D 31 9.20 16.28 1.93
C THR D 31 8.83 16.07 0.47
N ASN D 32 9.85 15.94 -0.38
CA ASN D 32 9.62 15.69 -1.81
C ASN D 32 9.81 14.21 -2.14
N ARG D 33 10.06 13.39 -1.12
CA ARG D 33 10.25 11.95 -1.34
C ARG D 33 8.88 11.27 -1.43
N TRP D 34 8.52 10.78 -2.61
CA TRP D 34 7.21 10.16 -2.80
C TRP D 34 7.04 8.89 -1.98
N ASN D 35 8.14 8.17 -1.73
CA ASN D 35 8.10 6.96 -0.92
C ASN D 35 7.55 7.20 0.48
N LEU D 36 7.78 8.40 1.01
CA LEU D 36 7.35 8.73 2.37
C LEU D 36 5.87 9.00 2.56
N GLN D 37 5.17 9.29 1.47
CA GLN D 37 3.74 9.61 1.54
C GLN D 37 2.87 8.54 2.22
N SER D 38 2.88 7.32 1.71
CA SER D 38 2.07 6.25 2.31
C SER D 38 2.59 5.84 3.68
N LEU D 39 3.91 5.88 3.86
CA LEU D 39 4.49 5.51 5.16
C LEU D 39 4.00 6.48 6.24
N LEU D 40 4.09 7.79 5.97
CA LEU D 40 3.64 8.81 6.91
C LEU D 40 2.13 8.74 7.18
N LEU D 41 1.32 8.45 6.16
CA LEU D 41 -0.10 8.35 6.39
C LEU D 41 -0.44 7.13 7.25
N SER D 42 0.32 6.04 7.08
CA SER D 42 0.14 4.84 7.89
C SER D 42 0.48 5.13 9.34
N ALA D 43 1.56 5.88 9.53
CA ALA D 43 2.00 6.28 10.87
C ALA D 43 0.93 7.16 11.53
N GLN D 44 0.28 8.01 10.75
CA GLN D 44 -0.77 8.88 11.26
C GLN D 44 -1.99 8.06 11.69
N ILE D 45 -2.40 7.13 10.84
CA ILE D 45 -3.56 6.29 11.10
C ILE D 45 -3.38 5.33 12.28
N THR D 46 -2.19 4.75 12.41
CA THR D 46 -1.94 3.79 13.48
C THR D 46 -1.48 4.46 14.78
N GLY D 47 -1.25 5.76 14.74
CA GLY D 47 -0.84 6.49 15.92
C GLY D 47 0.62 6.31 16.35
N MET D 48 1.51 6.03 15.39
CA MET D 48 2.93 5.87 15.71
C MET D 48 3.59 7.18 16.13
N THR D 49 4.69 7.07 16.86
CA THR D 49 5.48 8.23 17.23
C THR D 49 6.61 8.30 16.22
N VAL D 50 6.76 9.43 15.56
CA VAL D 50 7.83 9.61 14.59
C VAL D 50 8.82 10.66 15.04
N THR D 51 10.06 10.51 14.58
CA THR D 51 11.10 11.48 14.85
C THR D 51 11.61 11.95 13.49
N ILE D 52 11.47 13.25 13.24
CA ILE D 52 11.93 13.83 11.98
C ILE D 52 13.28 14.50 12.18
N LYS D 53 14.26 14.08 11.40
CA LYS D 53 15.61 14.63 11.49
C LYS D 53 15.84 15.56 10.30
N THR D 54 16.24 16.80 10.59
CA THR D 54 16.52 17.79 9.56
C THR D 54 17.22 19.03 10.10
N ASN D 55 18.05 19.65 9.25
CA ASN D 55 18.75 20.89 9.60
C ASN D 55 17.81 22.10 9.44
N ALA D 56 16.84 21.96 8.55
CA ALA D 56 15.85 23.02 8.32
C ALA D 56 14.69 22.86 9.30
N CYS D 57 15.03 22.88 10.59
CA CYS D 57 14.04 22.69 11.65
C CYS D 57 13.25 23.95 12.00
N HIS D 58 12.27 24.27 11.15
CA HIS D 58 11.42 25.45 11.31
C HIS D 58 10.22 25.27 10.38
N ASN D 59 9.13 25.98 10.62
CA ASN D 59 7.95 25.87 9.76
C ASN D 59 8.30 26.12 8.29
N GLY D 60 7.83 25.22 7.42
CA GLY D 60 8.12 25.33 6.00
C GLY D 60 9.43 24.71 5.58
N GLY D 61 10.13 24.07 6.52
CA GLY D 61 11.40 23.42 6.23
C GLY D 61 11.26 22.05 5.59
N THR D 62 12.35 21.58 4.99
CA THR D 62 12.39 20.31 4.29
C THR D 62 12.96 19.18 5.15
N PHE D 63 12.57 17.95 4.84
CA PHE D 63 13.11 16.77 5.53
C PHE D 63 13.04 15.57 4.61
N SER D 64 13.85 14.56 4.92
CA SER D 64 13.90 13.33 4.15
C SER D 64 14.30 12.17 5.06
N GLU D 65 14.42 12.47 6.35
CA GLU D 65 14.77 11.47 7.35
C GLU D 65 13.71 11.37 8.43
N VAL D 66 13.22 10.15 8.64
CA VAL D 66 12.17 9.90 9.62
C VAL D 66 12.38 8.57 10.32
N ILE D 67 12.19 8.57 11.62
CA ILE D 67 12.25 7.37 12.43
C ILE D 67 10.83 7.02 12.83
N PHE D 68 10.40 5.80 12.53
CA PHE D 68 9.07 5.31 12.88
C PHE D 68 9.23 4.36 14.07
N ARG D 69 8.60 4.73 15.19
CA ARG D 69 8.65 3.90 16.39
C ARG D 69 7.30 3.36 16.78
N THR E 1 22.39 -17.81 2.05
CA THR E 1 22.77 -16.66 2.94
C THR E 1 22.42 -16.99 4.40
N PRO E 2 23.38 -16.84 5.30
CA PRO E 2 23.20 -17.12 6.74
C PRO E 2 22.23 -16.18 7.47
N ASP E 3 21.53 -16.75 8.46
CA ASP E 3 20.62 -15.96 9.30
C ASP E 3 21.45 -14.96 10.09
N CYS E 4 20.91 -13.77 10.31
CA CYS E 4 21.64 -12.74 11.04
C CYS E 4 20.93 -12.42 12.36
N VAL E 5 19.68 -11.98 12.28
CA VAL E 5 18.88 -11.69 13.46
C VAL E 5 17.43 -12.08 13.23
N THR E 6 16.75 -12.44 14.31
CA THR E 6 15.35 -12.80 14.26
C THR E 6 14.66 -12.11 15.41
N GLY E 7 13.52 -11.49 15.12
CA GLY E 7 12.75 -10.79 16.13
C GLY E 7 11.75 -9.84 15.50
N LYS E 8 11.08 -9.06 16.33
CA LYS E 8 10.13 -8.08 15.86
C LYS E 8 10.89 -6.82 15.46
N VAL E 9 10.29 -5.99 14.61
CA VAL E 9 10.94 -4.74 14.21
C VAL E 9 10.74 -3.70 15.30
N GLU E 10 11.85 -3.28 15.90
CA GLU E 10 11.84 -2.29 16.96
C GLU E 10 11.52 -0.90 16.44
N TYR E 11 12.18 -0.53 15.36
CA TYR E 11 11.90 0.73 14.68
C TYR E 11 12.47 0.71 13.27
N THR E 12 11.95 1.61 12.44
CA THR E 12 12.44 1.75 11.07
C THR E 12 12.81 3.21 10.83
N LYS E 13 13.67 3.44 9.85
CA LYS E 13 14.12 4.79 9.56
C LYS E 13 14.25 5.00 8.06
N TYR E 14 13.65 6.07 7.58
CA TYR E 14 13.81 6.42 6.17
C TYR E 14 15.05 7.31 6.09
N ASN E 15 16.03 6.92 5.27
CA ASN E 15 17.27 7.67 5.15
C ASN E 15 17.29 8.71 4.04
N ASP E 16 18.24 9.65 4.15
CA ASP E 16 18.38 10.74 3.19
C ASP E 16 18.67 10.30 1.75
N ASP E 17 19.30 9.14 1.60
CA ASP E 17 19.62 8.60 0.26
C ASP E 17 18.60 7.57 -0.25
N ASP E 18 17.40 7.61 0.35
CA ASP E 18 16.27 6.73 0.00
C ASP E 18 16.43 5.26 0.35
N THR E 19 17.41 4.96 1.22
CA THR E 19 17.60 3.61 1.73
C THR E 19 16.74 3.52 2.98
N PHE E 20 16.55 2.31 3.48
CA PHE E 20 15.66 2.08 4.61
C PHE E 20 16.40 1.29 5.70
N THR E 21 16.37 1.82 6.91
CA THR E 21 17.03 1.18 8.05
C THR E 21 16.03 0.49 8.96
N VAL E 22 16.40 -0.71 9.42
CA VAL E 22 15.56 -1.45 10.35
C VAL E 22 16.39 -1.90 11.55
N LYS E 23 15.75 -1.93 12.72
CA LYS E 23 16.39 -2.39 13.96
C LYS E 23 15.65 -3.64 14.41
N VAL E 24 16.33 -4.78 14.30
CA VAL E 24 15.77 -6.05 14.75
C VAL E 24 16.79 -6.68 15.70
N GLY E 25 16.33 -7.07 16.88
CA GLY E 25 17.21 -7.63 17.89
C GLY E 25 18.18 -6.58 18.40
N ASP E 26 19.47 -6.79 18.12
CA ASP E 26 20.51 -5.87 18.56
C ASP E 26 21.26 -5.26 17.37
N LYS E 27 20.84 -5.57 16.16
CA LYS E 27 21.50 -5.07 14.98
C LYS E 27 20.67 -4.01 14.25
N GLU E 28 21.35 -2.99 13.75
CA GLU E 28 20.71 -1.95 12.98
C GLU E 28 21.25 -2.13 11.56
N LEU E 29 20.38 -2.54 10.65
CA LEU E 29 20.77 -2.83 9.28
C LEU E 29 19.97 -1.98 8.29
N PHE E 30 20.44 -1.86 7.06
CA PHE E 30 19.71 -1.10 6.05
C PHE E 30 19.67 -1.79 4.69
N THR E 31 18.65 -1.46 3.90
CA THR E 31 18.50 -2.03 2.57
C THR E 31 18.24 -0.93 1.52
N ASN E 32 18.72 -1.17 0.31
CA ASN E 32 18.52 -0.23 -0.80
C ASN E 32 17.36 -0.67 -1.71
N ARG E 33 16.70 -1.77 -1.34
CA ARG E 33 15.56 -2.28 -2.11
C ARG E 33 14.31 -1.50 -1.71
N TRP E 34 13.83 -0.67 -2.63
CA TRP E 34 12.65 0.15 -2.37
C TRP E 34 11.39 -0.69 -2.08
N ASN E 35 11.29 -1.86 -2.68
CA ASN E 35 10.14 -2.75 -2.47
C ASN E 35 9.97 -3.17 -1.01
N LEU E 36 11.08 -3.24 -0.29
CA LEU E 36 11.06 -3.67 1.10
C LEU E 36 10.53 -2.64 2.09
N GLN E 37 10.47 -1.37 1.67
CA GLN E 37 10.04 -0.30 2.57
C GLN E 37 8.66 -0.48 3.18
N SER E 38 7.62 -0.55 2.34
CA SER E 38 6.27 -0.73 2.85
C SER E 38 6.08 -2.11 3.50
N LEU E 39 6.79 -3.11 3.00
CA LEU E 39 6.69 -4.46 3.56
C LEU E 39 7.21 -4.49 4.99
N LEU E 40 8.36 -3.86 5.22
CA LEU E 40 8.96 -3.81 6.55
C LEU E 40 8.14 -2.95 7.53
N LEU E 41 7.53 -1.87 7.03
CA LEU E 41 6.71 -1.04 7.90
C LEU E 41 5.44 -1.79 8.29
N SER E 42 4.87 -2.55 7.35
CA SER E 42 3.68 -3.35 7.64
C SER E 42 4.01 -4.39 8.70
N ALA E 43 5.19 -5.01 8.58
CA ALA E 43 5.64 -5.99 9.56
C ALA E 43 5.80 -5.36 10.94
N GLN E 44 6.30 -4.12 10.96
CA GLN E 44 6.48 -3.39 12.22
C GLN E 44 5.11 -3.14 12.87
N ILE E 45 4.18 -2.60 12.09
CA ILE E 45 2.83 -2.27 12.58
C ILE E 45 2.03 -3.48 13.09
N THR E 46 2.10 -4.60 12.40
CA THR E 46 1.33 -5.77 12.77
C THR E 46 2.06 -6.68 13.77
N GLY E 47 3.31 -6.34 14.06
CA GLY E 47 4.08 -7.10 15.02
C GLY E 47 4.56 -8.46 14.55
N MET E 48 4.90 -8.57 13.27
CA MET E 48 5.40 -9.83 12.73
C MET E 48 6.82 -10.08 13.20
N THR E 49 7.22 -11.35 13.17
CA THR E 49 8.59 -11.72 13.50
C THR E 49 9.30 -11.86 12.16
N VAL E 50 10.38 -11.12 11.99
CA VAL E 50 11.15 -11.20 10.76
C VAL E 50 12.52 -11.80 11.00
N THR E 51 13.04 -12.49 9.98
CA THR E 51 14.38 -13.04 10.01
C THR E 51 15.16 -12.41 8.87
N ILE E 52 16.22 -11.68 9.21
CA ILE E 52 17.06 -11.03 8.22
C ILE E 52 18.29 -11.88 7.94
N LYS E 53 18.50 -12.22 6.68
CA LYS E 53 19.63 -13.03 6.28
C LYS E 53 20.63 -12.13 5.57
N THR E 54 21.87 -12.13 6.03
CA THR E 54 22.93 -11.33 5.42
C THR E 54 24.31 -11.70 5.94
N ASN E 55 25.30 -11.58 5.06
CA ASN E 55 26.70 -11.83 5.42
C ASN E 55 27.30 -10.63 6.15
N ALA E 56 26.71 -9.46 5.97
CA ALA E 56 27.14 -8.24 6.66
C ALA E 56 26.37 -8.09 7.97
N CYS E 57 26.45 -9.11 8.82
CA CYS E 57 25.71 -9.14 10.08
C CYS E 57 26.40 -8.36 11.21
N HIS E 58 26.26 -7.04 11.15
CA HIS E 58 26.84 -6.11 12.12
C HIS E 58 26.11 -4.77 11.95
N ASN E 59 26.19 -3.90 12.94
CA ASN E 59 25.55 -2.60 12.83
C ASN E 59 26.01 -1.83 11.59
N GLY E 60 25.06 -1.27 10.86
CA GLY E 60 25.38 -0.54 9.64
C GLY E 60 25.58 -1.43 8.44
N GLY E 61 25.32 -2.73 8.61
CA GLY E 61 25.45 -3.69 7.53
C GLY E 61 24.25 -3.62 6.60
N THR E 62 24.38 -4.21 5.42
CA THR E 62 23.30 -4.20 4.44
C THR E 62 22.59 -5.55 4.34
N PHE E 63 21.37 -5.54 3.80
CA PHE E 63 20.61 -6.77 3.60
C PHE E 63 19.62 -6.58 2.45
N SER E 64 19.11 -7.70 1.93
CA SER E 64 18.12 -7.69 0.87
C SER E 64 17.28 -8.96 0.92
N GLU E 65 17.51 -9.77 1.96
CA GLU E 65 16.74 -10.98 2.16
C GLU E 65 16.05 -10.97 3.51
N VAL E 66 14.73 -11.15 3.49
CA VAL E 66 13.94 -11.10 4.72
C VAL E 66 12.86 -12.16 4.66
N ILE E 67 12.67 -12.86 5.78
CA ILE E 67 11.59 -13.82 5.90
C ILE E 67 10.55 -13.23 6.83
N PHE E 68 9.30 -13.16 6.37
CA PHE E 68 8.22 -12.63 7.19
C PHE E 68 7.42 -13.81 7.74
N ARG E 69 7.46 -14.01 9.04
CA ARG E 69 6.71 -15.10 9.67
C ARG E 69 5.39 -14.62 10.26
C2 BGC F . 14.24 -2.24 -17.16
C3 BGC F . 12.93 -2.94 -16.81
C4 BGC F . 12.51 -2.64 -15.37
C5 BGC F . 12.60 -1.14 -15.04
C6 BGC F . 12.47 -0.87 -13.55
C1 BGC F . 14.13 -0.76 -16.84
O1 BGC F . 15.32 -0.12 -17.15
O2 BGC F . 14.53 -2.42 -18.55
O3 BGC F . 13.07 -4.34 -16.98
O4 BGC F . 11.14 -3.09 -15.17
O5 BGC F . 13.88 -0.60 -15.44
O6 BGC F . 11.12 -0.56 -13.19
C1 GAL F . 10.84 -3.59 -13.92
C2 GAL F . 9.32 -3.53 -13.71
C3 GAL F . 8.98 -4.14 -12.36
C4 GAL F . 9.49 -5.57 -12.34
C5 GAL F . 10.99 -5.58 -12.59
C6 GAL F . 11.52 -7.01 -12.67
O2 GAL F . 8.87 -2.18 -13.75
O3 GAL F . 7.57 -4.10 -12.15
O4 GAL F . 8.84 -6.32 -13.39
O5 GAL F . 11.29 -4.95 -13.86
O6 GAL F . 12.87 -7.02 -13.09
C1 GLA F . 8.17 -7.48 -12.98
C2 GLA F . 7.99 -8.42 -14.19
C3 GLA F . 7.03 -7.82 -15.21
C4 GLA F . 5.71 -7.42 -14.52
C5 GLA F . 6.01 -6.52 -13.33
C6 GLA F . 4.78 -6.07 -12.55
O2 GLA F . 9.26 -8.65 -14.79
O3 GLA F . 6.76 -8.74 -16.25
O4 GLA F . 5.03 -8.59 -14.08
O5 GLA F . 6.90 -7.19 -12.42
O6 GLA F . 4.48 -6.95 -11.48
C2 BGC G . 6.01 -0.03 -21.26
C3 BGC G . 4.69 0.22 -20.53
C4 BGC G . 4.99 0.61 -19.08
C5 BGC G . 6.01 1.76 -18.99
C6 BGC G . 6.49 1.95 -17.57
C1 BGC G . 6.85 1.23 -21.17
O1 BGC G . 8.02 1.09 -21.89
O2 BGC G . 5.76 -0.36 -22.63
O3 BGC G . 3.90 -0.96 -20.56
O4 BGC G . 3.77 1.04 -18.44
O5 BGC G . 7.17 1.48 -19.80
O6 BGC G . 6.79 3.32 -17.30
C1 GAL G . 3.18 0.18 -17.54
C2 GAL G . 2.43 1.02 -16.50
C3 GAL G . 1.64 0.13 -15.58
C4 GAL G . 0.71 -0.73 -16.41
C5 GAL G . 1.50 -1.54 -17.41
C6 GAL G . 0.59 -2.33 -18.33
O2 GAL G . 3.35 1.80 -15.77
O3 GAL G . 0.89 0.92 -14.66
O4 GAL G . -0.21 0.11 -17.13
O5 GAL G . 2.27 -0.66 -18.26
O6 GAL G . 1.31 -3.06 -19.29
C1 GLA G . -1.57 -0.14 -16.93
C2 GLA G . -2.35 0.44 -18.11
C3 GLA G . -2.20 1.96 -18.12
C4 GLA G . -2.62 2.55 -16.77
C5 GLA G . -1.81 1.86 -15.66
C6 GLA G . -2.15 2.33 -14.26
O2 GLA G . -1.84 -0.09 -19.33
O3 GLA G . -3.02 2.51 -19.16
O4 GLA G . -4.00 2.35 -16.55
O5 GLA G . -2.03 0.43 -15.72
O6 GLA G . -3.16 1.52 -13.68
C2 BGC H . -4.81 -15.30 -24.83
C3 BGC H . -5.82 -15.25 -23.65
C4 BGC H . -7.05 -14.36 -23.98
C5 BGC H . -7.60 -14.80 -25.31
C6 BGC H . -8.80 -14.03 -25.82
C1 BGC H . -5.54 -15.64 -26.10
O1 BGC H . -4.65 -15.57 -27.17
O2 BGC H . -3.80 -16.26 -24.61
O3 BGC H . -5.16 -14.74 -22.51
O4 BGC H . -8.08 -14.54 -22.97
O5 BGC H . -6.58 -14.70 -26.33
O6 BGC H . -8.48 -12.69 -26.11
C1 GAL H . -8.57 -13.43 -22.31
C2 GAL H . -9.92 -13.77 -21.62
C3 GAL H . -10.39 -12.63 -20.70
C4 GAL H . -9.28 -12.29 -19.72
C5 GAL H . -8.03 -11.93 -20.52
C6 GAL H . -6.88 -11.52 -19.65
O2 GAL H . -10.92 -14.00 -22.61
O3 GAL H . -11.56 -12.98 -19.98
O4 GAL H . -9.01 -13.42 -18.86
O5 GAL H . -7.61 -13.06 -21.30
O6 GAL H . -5.88 -10.87 -20.42
C1 GLA H . -8.84 -13.14 -17.51
C2 GLA H . -8.04 -14.26 -16.84
C3 GLA H . -8.86 -15.54 -16.86
C4 GLA H . -10.20 -15.30 -16.17
C5 GLA H . -10.93 -14.11 -16.77
C6 GLA H . -12.11 -13.72 -15.93
O2 GLA H . -6.82 -14.47 -17.53
O3 GLA H . -8.15 -16.59 -16.21
O4 GLA H . -9.99 -15.06 -14.79
O5 GLA H . -10.07 -12.95 -16.83
O6 GLA H . -13.32 -13.73 -16.68
C2 BGC I . 5.30 6.45 -17.51
C3 BGC I . 4.63 6.37 -16.12
C4 BGC I . 5.29 7.38 -15.17
C5 BGC I . 6.63 7.81 -15.74
C6 BGC I . 7.55 6.64 -16.02
C1 BGC I . 5.57 7.90 -17.91
O1 BGC I . 6.18 7.94 -19.15
O2 BGC I . 4.44 5.84 -18.48
O3 BGC I . 4.77 5.06 -15.58
O4 BGC I . 4.43 8.53 -14.98
O5 BGC I . 6.45 8.54 -16.97
O6 BGC I . 7.58 5.71 -14.95
C1 GAL I . 3.23 8.31 -14.30
C2 GAL I . 3.40 8.73 -12.83
C3 GAL I . 2.04 8.70 -12.10
C4 GAL I . 0.99 9.48 -12.90
C5 GAL I . 0.95 8.97 -14.31
C6 GAL I . -0.05 9.70 -15.18
O2 GAL I . 4.28 7.84 -12.18
O3 GAL I . 2.18 9.27 -10.82
O4 GAL I . 1.33 10.89 -12.91
O5 GAL I . 2.24 9.12 -14.92
O6 GAL I . -0.03 9.21 -16.52
C1 GLA I . 0.38 11.78 -12.39
C2 GLA I . 0.65 13.17 -12.95
C3 GLA I . 2.01 13.64 -12.43
C4 GLA I . 2.03 13.62 -10.91
C5 GLA I . 1.65 12.22 -10.40
C6 GLA I . 1.51 12.19 -8.89
O2 GLA I . 0.66 13.13 -14.37
O3 GLA I . 2.28 14.97 -12.90
O4 GLA I . 1.11 14.58 -10.40
O5 GLA I . 0.40 11.81 -10.98
O6 GLA I . 0.85 11.01 -8.48
C2 BGC J . 12.33 11.22 -13.24
C3 BGC J . 11.37 10.98 -12.07
C4 BGC J . 10.54 9.66 -12.11
C5 BGC J . 10.96 8.61 -13.14
C6 BGC J . 9.77 7.83 -13.63
C1 BGC J . 12.74 9.92 -13.91
O1 BGC J . 13.46 10.20 -15.06
O2 BGC J . 13.49 11.90 -12.75
O3 BGC J . 10.46 12.07 -12.01
O4 BGC J . 10.63 9.04 -10.82
O5 BGC J . 11.58 9.21 -14.29
O6 BGC J . 10.17 6.81 -14.53
C1 GAL J . 9.73 9.44 -9.86
C2 GAL J . 9.94 8.59 -8.60
C3 GAL J . 9.07 9.11 -7.46
C4 GAL J . 9.36 10.61 -7.25
C5 GAL J . 9.09 11.34 -8.56
C6 GAL J . 9.36 12.83 -8.44
O2 GAL J . 9.60 7.24 -8.88
O3 GAL J . 9.36 8.39 -6.27
O4 GAL J . 10.74 10.80 -6.89
O5 GAL J . 9.97 10.83 -9.58
O6 GAL J . 9.44 13.44 -9.72
C1 GLA J . 10.94 11.37 -5.64
C2 GLA J . 12.33 12.00 -5.59
C3 GLA J . 13.41 10.91 -5.72
C4 GLA J . 13.19 9.82 -4.68
C5 GLA J . 11.75 9.31 -4.75
C6 GLA J . 11.41 8.26 -3.70
O2 GLA J . 12.47 12.93 -6.65
O3 GLA J . 14.69 11.49 -5.53
O4 GLA J . 13.46 10.32 -3.38
O5 GLA J . 10.83 10.41 -4.61
O6 GLA J . 10.78 8.84 -2.57
C2 BGC K . 17.54 5.81 -12.03
C3 BGC K . 17.01 4.68 -11.15
C4 BGC K . 15.61 4.23 -11.62
C5 BGC K . 15.60 3.99 -13.12
C6 BGC K . 14.23 3.68 -13.66
C1 BGC K . 17.46 5.43 -13.50
O1 BGC K . 17.87 6.49 -14.30
O2 BGC K . 18.88 6.10 -11.67
O3 BGC K . 16.92 5.14 -9.80
O4 BGC K . 15.26 3.01 -10.94
O5 BGC K . 16.09 5.15 -13.82
O6 BGC K . 13.24 4.55 -13.10
C1 GAL K . 14.88 3.09 -9.60
C2 GAL K . 13.94 1.93 -9.27
C3 GAL K . 13.59 1.92 -7.79
C4 GAL K . 14.88 1.92 -6.96
C5 GAL K . 15.77 3.09 -7.37
C6 GAL K . 17.10 3.04 -6.65
O2 GAL K . 12.74 2.05 -10.03
O3 GAL K . 12.83 0.78 -7.48
O4 GAL K . 15.59 0.69 -7.18
O5 GAL K . 16.06 3.02 -8.79
O6 GAL K . 17.82 4.25 -6.80
C1 GLA K . 15.87 -0.06 -6.04
C2 GLA K . 16.99 -1.06 -6.33
C3 GLA K . 16.53 -2.04 -7.41
C4 GLA K . 15.24 -2.73 -6.96
C5 GLA K . 14.20 -1.66 -6.61
C6 GLA K . 12.90 -2.22 -6.08
O2 GLA K . 18.15 -0.36 -6.78
O3 GLA K . 17.54 -3.01 -7.63
O4 GLA K . 15.49 -3.54 -5.83
O5 GLA K . 14.72 -0.78 -5.61
O6 GLA K . 13.06 -2.85 -4.81
#